data_8GUO
#
_entry.id   8GUO
#
_cell.length_a   111.776
_cell.length_b   111.776
_cell.length_c   171.228
_cell.angle_alpha   90.0
_cell.angle_beta   90.0
_cell.angle_gamma   90.0
#
_symmetry.space_group_name_H-M   'I 4 2 2'
#
loop_
_entity.id
_entity.type
_entity.pdbx_description
1 polymer 'Type VII secretion system protein EsaG'
2 polymer 'Type VII secretion system protein EssD'
3 water water
#
loop_
_entity_poly.entity_id
_entity_poly.type
_entity_poly.pdbx_seq_one_letter_code
_entity_poly.pdbx_strand_id
1 'polypeptide(L)'
;MTFEEKLSKIYNEIANEISSMIPVEWEKVYTMAYIDDGGGEVFFNYTKPGSDDLNYYTNIPKEYNISVQVFDDLWMDLYD
LFEELRDLFKEEDLEPWTSCEFDFTREGELKVSFDYIDWINSEFGQIGRQNYYKYRKFGILPETEYEINKVKEIEQYIKE
LE
;
A
2 'polypeptide(L)'
;PNYTKVEFGEHYARLRPKKLKANIEYTTPTGHIYRTDHKGRIKEVYVDNLSLKDGDRNSHAQRTVGGEDRLPDDDGGHLI
ARMFGGSKDIDNLVAQSKFINRPFKEKGHWYNLEKEWQEFLNSGKEVKNIKMEVKYSGNSQRPTIFKVEYEINGERNIRR
ILNK
;
B
#
# COMPACT_ATOMS: atom_id res chain seq x y z
N MET A 1 -4.93 -26.73 4.91
CA MET A 1 -5.53 -25.60 4.21
C MET A 1 -4.98 -25.46 2.80
N THR A 2 -5.86 -25.11 1.86
CA THR A 2 -5.43 -24.81 0.50
C THR A 2 -4.75 -23.44 0.46
N PHE A 3 -4.13 -23.11 -0.67
CA PHE A 3 -3.47 -21.82 -0.84
C PHE A 3 -4.45 -20.67 -0.72
N GLU A 4 -5.63 -20.85 -1.30
CA GLU A 4 -6.65 -19.80 -1.33
C GLU A 4 -7.33 -19.65 0.02
N GLU A 5 -7.25 -20.69 0.84
CA GLU A 5 -7.80 -20.63 2.19
C GLU A 5 -6.85 -19.86 3.11
N LYS A 6 -5.55 -19.96 2.83
CA LYS A 6 -4.56 -19.21 3.57
C LYS A 6 -4.65 -17.73 3.21
N LEU A 7 -4.84 -17.45 1.93
CA LEU A 7 -5.00 -16.08 1.44
C LEU A 7 -6.25 -15.45 2.03
N SER A 8 -7.32 -16.23 2.15
CA SER A 8 -8.57 -15.74 2.69
C SER A 8 -8.42 -15.39 4.17
N LYS A 9 -7.68 -16.22 4.89
CA LYS A 9 -7.41 -15.98 6.31
C LYS A 9 -6.72 -14.64 6.52
N ILE A 10 -5.77 -14.31 5.64
CA ILE A 10 -5.00 -13.09 5.79
C ILE A 10 -5.72 -11.87 5.18
N TYR A 11 -6.59 -12.11 4.20
CA TYR A 11 -7.48 -11.04 3.72
C TYR A 11 -8.31 -10.52 4.89
N ASN A 12 -8.95 -11.45 5.59
CA ASN A 12 -9.79 -11.14 6.73
C ASN A 12 -9.01 -10.45 7.84
N GLU A 13 -7.77 -10.88 8.05
CA GLU A 13 -6.92 -10.32 9.10
C GLU A 13 -6.46 -8.90 8.74
N ILE A 14 -6.21 -8.67 7.46
CA ILE A 14 -5.82 -7.34 7.00
C ILE A 14 -7.00 -6.38 7.08
N ALA A 15 -8.16 -6.84 6.62
CA ALA A 15 -9.37 -6.03 6.62
C ALA A 15 -9.77 -5.57 8.01
N ASN A 16 -9.70 -6.48 8.98
CA ASN A 16 -10.08 -6.17 10.36
C ASN A 16 -9.06 -5.32 11.11
N GLU A 17 -7.80 -5.41 10.68
CA GLU A 17 -6.76 -4.58 11.27
C GLU A 17 -6.92 -3.13 10.84
N ILE A 18 -7.18 -2.93 9.54
CA ILE A 18 -7.45 -1.60 9.00
C ILE A 18 -8.68 -1.00 9.67
N SER A 19 -9.74 -1.79 9.79
CA SER A 19 -11.01 -1.34 10.35
C SER A 19 -10.87 -0.85 11.80
N SER A 20 -9.96 -1.46 12.54
CA SER A 20 -9.74 -1.08 13.94
C SER A 20 -8.79 0.11 14.06
N MET A 21 -8.23 0.52 12.93
CA MET A 21 -7.41 1.74 12.89
C MET A 21 -8.30 2.95 12.60
N ILE A 22 -9.52 2.66 12.16
CA ILE A 22 -10.51 3.69 11.89
C ILE A 22 -11.47 3.80 13.07
N PRO A 23 -11.48 4.96 13.74
CA PRO A 23 -12.22 5.17 14.99
C PRO A 23 -13.67 5.61 14.78
N VAL A 24 -14.09 5.70 13.52
CA VAL A 24 -15.47 6.02 13.18
C VAL A 24 -16.03 4.97 12.24
N GLU A 25 -17.32 4.99 12.02
CA GLU A 25 -17.89 4.06 11.05
C GLU A 25 -17.48 4.46 9.64
N TRP A 26 -17.01 3.47 8.89
CA TRP A 26 -16.56 3.68 7.53
C TRP A 26 -17.42 2.88 6.57
N GLU A 27 -17.37 3.22 5.29
CA GLU A 27 -18.13 2.47 4.29
C GLU A 27 -17.20 1.70 3.34
N LYS A 28 -16.20 2.38 2.80
CA LYS A 28 -15.23 1.74 1.93
C LYS A 28 -13.80 2.13 2.31
N VAL A 29 -12.86 1.21 2.07
CA VAL A 29 -11.45 1.47 2.31
C VAL A 29 -10.63 1.10 1.08
N TYR A 30 -9.87 2.06 0.57
CA TYR A 30 -8.94 1.79 -0.51
C TYR A 30 -7.51 1.71 0.03
N THR A 31 -6.90 0.53 -0.07
CA THR A 31 -5.56 0.34 0.48
C THR A 31 -4.55 0.08 -0.62
N MET A 32 -3.39 0.71 -0.51
CA MET A 32 -2.28 0.46 -1.41
C MET A 32 -1.03 0.08 -0.63
N ALA A 33 -0.37 -0.98 -1.07
CA ALA A 33 0.86 -1.42 -0.44
C ALA A 33 1.96 -1.61 -1.47
N TYR A 34 3.10 -0.96 -1.24
CA TYR A 34 4.30 -1.23 -2.03
C TYR A 34 5.31 -1.91 -1.12
N ILE A 35 5.59 -3.19 -1.35
CA ILE A 35 6.53 -3.91 -0.50
C ILE A 35 7.50 -4.79 -1.29
N ASP A 36 8.78 -4.70 -0.94
CA ASP A 36 9.77 -5.67 -1.39
C ASP A 36 10.64 -6.09 -0.20
N ASP A 37 11.74 -6.79 -0.46
CA ASP A 37 12.54 -7.37 0.61
C ASP A 37 13.27 -6.34 1.45
N GLY A 38 13.43 -5.14 0.91
CA GLY A 38 14.20 -4.11 1.59
C GLY A 38 13.36 -3.11 2.36
N GLY A 39 12.05 -3.23 2.26
CA GLY A 39 11.14 -2.34 2.95
C GLY A 39 9.94 -1.96 2.10
N GLY A 40 9.14 -1.02 2.59
CA GLY A 40 7.97 -0.61 1.84
C GLY A 40 7.03 0.36 2.53
N GLU A 41 5.88 0.58 1.90
CA GLU A 41 4.90 1.55 2.38
C GLU A 41 3.48 0.98 2.32
N VAL A 42 2.65 1.37 3.28
CA VAL A 42 1.24 0.98 3.27
C VAL A 42 0.37 2.17 3.65
N PHE A 43 -0.43 2.65 2.71
CA PHE A 43 -1.39 3.70 3.01
C PHE A 43 -2.81 3.30 2.61
N PHE A 44 -3.80 3.96 3.21
CA PHE A 44 -5.17 3.75 2.80
C PHE A 44 -6.03 4.99 2.91
N ASN A 45 -7.12 5.01 2.14
CA ASN A 45 -8.14 6.04 2.22
C ASN A 45 -9.48 5.41 2.55
N TYR A 46 -10.24 6.01 3.47
CA TYR A 46 -11.55 5.48 3.80
C TYR A 46 -12.64 6.52 3.59
N THR A 47 -13.85 6.05 3.31
CA THR A 47 -15.00 6.92 3.19
C THR A 47 -15.97 6.67 4.35
N LYS A 48 -16.81 7.64 4.63
CA LYS A 48 -17.88 7.48 5.61
C LYS A 48 -19.22 7.44 4.88
N PRO A 49 -20.21 6.73 5.46
CA PRO A 49 -21.52 6.65 4.82
C PRO A 49 -22.22 8.00 4.75
N GLY A 50 -22.71 8.36 3.57
CA GLY A 50 -23.35 9.66 3.38
C GLY A 50 -22.48 10.61 2.58
N SER A 51 -21.22 10.24 2.39
CA SER A 51 -20.26 11.08 1.67
C SER A 51 -19.30 10.26 0.82
N ASP A 52 -18.79 10.86 -0.25
CA ASP A 52 -17.80 10.21 -1.09
C ASP A 52 -16.40 10.71 -0.79
N ASP A 53 -16.29 11.56 0.23
CA ASP A 53 -15.01 12.16 0.61
C ASP A 53 -13.99 11.11 1.04
N LEU A 54 -12.77 11.26 0.53
CA LEU A 54 -11.66 10.40 0.91
C LEU A 54 -11.00 10.91 2.18
N ASN A 55 -10.79 10.02 3.14
CA ASN A 55 -10.09 10.37 4.35
C ASN A 55 -8.76 9.61 4.45
N TYR A 56 -7.66 10.35 4.32
CA TYR A 56 -6.31 9.77 4.37
C TYR A 56 -6.04 9.21 5.76
N TYR A 57 -5.26 8.12 5.82
CA TYR A 57 -5.16 7.34 7.06
C TYR A 57 -4.40 8.04 8.19
N THR A 58 -3.33 8.76 7.87
CA THR A 58 -2.54 9.41 8.92
C THR A 58 -3.21 10.68 9.46
N ASN A 59 -4.33 11.07 8.85
CA ASN A 59 -5.13 12.17 9.36
C ASN A 59 -6.02 11.74 10.51
N ILE A 60 -6.04 10.44 10.79
CA ILE A 60 -6.88 9.90 11.86
C ILE A 60 -6.45 10.36 13.26
N PRO A 61 -5.14 10.35 13.58
CA PRO A 61 -4.79 10.93 14.88
C PRO A 61 -4.93 12.45 14.92
N LYS A 62 -4.85 13.10 13.76
CA LYS A 62 -4.95 14.56 13.72
C LYS A 62 -6.39 15.04 13.86
N GLU A 63 -7.34 14.14 13.63
CA GLU A 63 -8.75 14.49 13.65
C GLU A 63 -9.51 13.84 14.81
N TYR A 64 -8.99 12.74 15.34
CA TYR A 64 -9.72 11.98 16.36
C TYR A 64 -8.91 11.70 17.61
N ASN A 65 -9.59 11.24 18.66
CA ASN A 65 -8.92 10.91 19.91
C ASN A 65 -8.28 9.53 19.85
N ILE A 66 -7.17 9.45 19.14
CA ILE A 66 -6.34 8.26 19.10
C ILE A 66 -4.89 8.72 19.00
N SER A 67 -4.03 8.18 19.84
CA SER A 67 -2.65 8.63 19.89
C SER A 67 -1.86 8.19 18.66
N VAL A 68 -0.89 8.99 18.27
CA VAL A 68 -0.05 8.69 17.12
C VAL A 68 0.75 7.42 17.34
N GLN A 69 1.13 7.17 18.60
CA GLN A 69 1.90 5.99 18.94
C GLN A 69 1.08 4.71 18.79
N VAL A 70 -0.17 4.76 19.26
CA VAL A 70 -1.08 3.63 19.12
C VAL A 70 -1.39 3.39 17.65
N PHE A 71 -1.60 4.47 16.90
CA PHE A 71 -1.89 4.38 15.47
C PHE A 71 -0.73 3.77 14.69
N ASP A 72 0.48 4.24 14.97
CA ASP A 72 1.67 3.77 14.28
C ASP A 72 2.02 2.32 14.64
N ASP A 73 1.75 1.93 15.89
CA ASP A 73 2.00 0.56 16.31
C ASP A 73 1.03 -0.41 15.65
N LEU A 74 -0.18 0.08 15.37
CA LEU A 74 -1.16 -0.69 14.62
C LEU A 74 -0.74 -0.77 13.16
N TRP A 75 -0.21 0.32 12.64
CA TRP A 75 0.30 0.37 11.27
C TRP A 75 1.41 -0.65 11.09
N MET A 76 2.22 -0.80 12.14
CA MET A 76 3.34 -1.73 12.11
C MET A 76 2.84 -3.16 11.97
N ASP A 77 1.78 -3.49 12.70
CA ASP A 77 1.16 -4.81 12.62
C ASP A 77 0.53 -5.03 11.25
N LEU A 78 -0.09 -3.98 10.72
CA LEU A 78 -0.73 -4.04 9.40
C LEU A 78 0.28 -4.34 8.31
N TYR A 79 1.46 -3.71 8.42
CA TYR A 79 2.55 -3.94 7.48
C TYR A 79 2.96 -5.40 7.52
N ASP A 80 3.10 -5.93 8.72
CA ASP A 80 3.50 -7.32 8.93
C ASP A 80 2.54 -8.29 8.27
N LEU A 81 1.25 -7.95 8.29
CA LEU A 81 0.24 -8.78 7.64
C LEU A 81 0.41 -8.81 6.13
N PHE A 82 0.70 -7.65 5.55
CA PHE A 82 0.95 -7.56 4.12
C PHE A 82 2.23 -8.29 3.74
N GLU A 83 3.23 -8.23 4.61
CA GLU A 83 4.46 -8.99 4.41
C GLU A 83 4.17 -10.49 4.51
N GLU A 84 3.20 -10.84 5.35
CA GLU A 84 2.75 -12.22 5.47
C GLU A 84 2.04 -12.66 4.20
N LEU A 85 1.19 -11.78 3.67
CA LEU A 85 0.51 -12.01 2.40
C LEU A 85 1.53 -12.25 1.29
N ARG A 86 2.65 -11.53 1.38
CA ARG A 86 3.70 -11.61 0.37
C ARG A 86 4.53 -12.88 0.52
N ASP A 87 4.76 -13.30 1.76
CA ASP A 87 5.52 -14.52 2.02
C ASP A 87 4.75 -15.77 1.60
N LEU A 88 3.43 -15.69 1.62
CA LEU A 88 2.58 -16.79 1.16
C LEU A 88 2.84 -17.11 -0.30
N PHE A 89 3.11 -16.07 -1.08
CA PHE A 89 3.46 -16.24 -2.48
C PHE A 89 4.83 -16.92 -2.62
N LYS A 90 5.77 -16.50 -1.79
CA LYS A 90 7.10 -17.10 -1.73
C LYS A 90 7.02 -18.59 -1.43
N GLU A 91 6.14 -18.94 -0.49
CA GLU A 91 6.02 -20.32 -0.04
C GLU A 91 5.32 -21.21 -1.08
N GLU A 92 4.48 -20.61 -1.92
CA GLU A 92 3.85 -21.35 -3.00
C GLU A 92 4.74 -21.41 -4.23
N ASP A 93 5.99 -20.99 -4.08
CA ASP A 93 6.95 -20.90 -5.19
C ASP A 93 6.40 -20.01 -6.29
N LEU A 94 5.72 -18.94 -5.89
CA LEU A 94 5.21 -17.94 -6.81
C LEU A 94 6.06 -16.68 -6.72
N GLU A 95 6.17 -15.96 -7.82
CA GLU A 95 6.86 -14.67 -7.80
C GLU A 95 6.09 -13.72 -6.92
N PRO A 96 6.74 -13.19 -5.86
CA PRO A 96 6.05 -12.31 -4.92
C PRO A 96 5.68 -10.96 -5.54
N TRP A 97 4.51 -10.45 -5.19
CA TRP A 97 4.04 -9.17 -5.70
C TRP A 97 4.81 -8.01 -5.07
N THR A 98 4.89 -6.90 -5.79
CA THR A 98 5.55 -5.70 -5.29
C THR A 98 4.54 -4.60 -4.96
N SER A 99 3.30 -4.80 -5.39
CA SER A 99 2.22 -3.88 -5.02
C SER A 99 0.89 -4.62 -4.88
N CYS A 100 0.09 -4.17 -3.91
CA CYS A 100 -1.21 -4.79 -3.65
C CYS A 100 -2.28 -3.75 -3.38
N GLU A 101 -3.25 -3.65 -4.29
CA GLU A 101 -4.42 -2.80 -4.05
C GLU A 101 -5.46 -3.62 -3.28
N PHE A 102 -5.97 -3.04 -2.21
CA PHE A 102 -6.82 -3.78 -1.29
C PHE A 102 -8.06 -2.98 -0.93
N ASP A 103 -9.08 -3.08 -1.78
CA ASP A 103 -10.30 -2.31 -1.59
C ASP A 103 -11.43 -3.16 -1.06
N PHE A 104 -12.05 -2.70 0.02
CA PHE A 104 -13.19 -3.41 0.57
C PHE A 104 -14.26 -2.50 1.14
N THR A 105 -15.48 -3.01 1.18
CA THR A 105 -16.62 -2.27 1.70
C THR A 105 -17.03 -2.90 3.03
N ARG A 106 -17.85 -2.18 3.80
CA ARG A 106 -18.31 -2.68 5.09
C ARG A 106 -19.31 -3.83 4.90
N GLU A 107 -19.89 -3.92 3.71
CA GLU A 107 -20.81 -5.00 3.39
C GLU A 107 -20.07 -6.32 3.13
N GLY A 108 -18.75 -6.22 2.94
CA GLY A 108 -17.94 -7.42 2.85
C GLY A 108 -17.30 -7.69 1.49
N GLU A 109 -17.52 -6.81 0.53
CA GLU A 109 -16.91 -6.95 -0.79
C GLU A 109 -15.42 -6.65 -0.71
N LEU A 110 -14.60 -7.45 -1.37
CA LEU A 110 -13.16 -7.20 -1.43
C LEU A 110 -12.60 -7.41 -2.83
N LYS A 111 -11.90 -6.41 -3.34
CA LYS A 111 -11.21 -6.54 -4.61
C LYS A 111 -9.73 -6.29 -4.45
N VAL A 112 -8.92 -7.24 -4.92
CA VAL A 112 -7.47 -7.16 -4.77
C VAL A 112 -6.79 -7.07 -6.13
N SER A 113 -5.77 -6.21 -6.24
CA SER A 113 -4.99 -6.11 -7.46
C SER A 113 -3.49 -6.19 -7.16
N PHE A 114 -2.85 -7.24 -7.66
CA PHE A 114 -1.41 -7.43 -7.47
C PHE A 114 -0.65 -6.95 -8.69
N ASP A 115 0.56 -6.47 -8.48
CA ASP A 115 1.47 -6.18 -9.59
C ASP A 115 2.89 -6.50 -9.20
N TYR A 116 3.79 -6.48 -10.18
CA TYR A 116 5.15 -7.01 -9.99
C TYR A 116 6.19 -6.05 -10.56
N ILE A 117 5.87 -4.76 -10.54
CA ILE A 117 6.77 -3.74 -11.05
C ILE A 117 7.98 -3.57 -10.13
N ASP A 118 9.18 -3.53 -10.72
CA ASP A 118 10.40 -3.33 -9.95
C ASP A 118 10.52 -1.86 -9.54
N TRP A 119 9.74 -1.47 -8.54
CA TRP A 119 9.61 -0.06 -8.17
C TRP A 119 10.90 0.58 -7.65
N ILE A 120 11.64 -0.14 -6.82
CA ILE A 120 12.84 0.43 -6.19
C ILE A 120 13.91 0.79 -7.22
N ASN A 121 14.06 -0.04 -8.25
CA ASN A 121 15.04 0.22 -9.30
C ASN A 121 14.54 1.20 -10.34
N SER A 122 13.25 1.54 -10.25
CA SER A 122 12.67 2.57 -11.10
C SER A 122 13.10 3.94 -10.60
N GLU A 123 13.50 3.97 -9.31
CA GLU A 123 13.98 5.17 -8.63
C GLU A 123 12.91 6.24 -8.44
N PHE A 124 11.65 5.87 -8.62
CA PHE A 124 10.56 6.78 -8.32
C PHE A 124 10.29 6.74 -6.82
N GLY A 125 10.00 7.91 -6.25
CA GLY A 125 9.82 8.02 -4.81
C GLY A 125 8.45 7.63 -4.31
N GLN A 126 8.25 7.75 -3.00
CA GLN A 126 7.01 7.33 -2.35
C GLN A 126 5.82 8.20 -2.74
N ILE A 127 6.03 9.52 -2.78
CA ILE A 127 4.96 10.46 -3.10
C ILE A 127 4.64 10.43 -4.59
N GLY A 128 5.65 10.14 -5.40
CA GLY A 128 5.46 9.99 -6.83
C GLY A 128 4.57 8.80 -7.12
N ARG A 129 4.88 7.67 -6.48
CA ARG A 129 4.05 6.48 -6.58
C ARG A 129 2.61 6.78 -6.15
N GLN A 130 2.47 7.47 -5.02
CA GLN A 130 1.16 7.76 -4.44
C GLN A 130 0.34 8.68 -5.32
N ASN A 131 1.00 9.64 -5.97
CA ASN A 131 0.31 10.55 -6.86
C ASN A 131 -0.12 9.87 -8.15
N TYR A 132 0.74 8.98 -8.67
CA TYR A 132 0.37 8.18 -9.84
C TYR A 132 -0.80 7.26 -9.52
N TYR A 133 -0.72 6.59 -8.37
CA TYR A 133 -1.79 5.74 -7.87
C TYR A 133 -3.11 6.50 -7.82
N LYS A 134 -3.07 7.69 -7.22
CA LYS A 134 -4.29 8.47 -7.02
C LYS A 134 -4.87 9.01 -8.32
N TYR A 135 -4.04 9.20 -9.34
CA TYR A 135 -4.53 9.70 -10.62
C TYR A 135 -5.27 8.60 -11.38
N ARG A 136 -4.82 7.37 -11.20
CA ARG A 136 -5.38 6.21 -11.89
C ARG A 136 -6.59 5.64 -11.16
N LYS A 137 -6.52 5.66 -9.84
CA LYS A 137 -7.55 5.09 -9.00
C LYS A 137 -8.77 6.00 -8.98
N PHE A 138 -8.56 7.19 -8.42
CA PHE A 138 -9.55 8.24 -8.44
C PHE A 138 -9.15 9.17 -9.59
N GLY A 139 -9.69 10.37 -9.67
CA GLY A 139 -9.36 11.23 -10.80
C GLY A 139 -8.39 12.34 -10.45
N ILE A 140 -7.63 12.14 -9.38
CA ILE A 140 -6.94 13.23 -8.70
C ILE A 140 -5.61 13.63 -9.31
N LEU A 141 -5.52 14.90 -9.67
CA LEU A 141 -4.32 15.52 -10.17
C LEU A 141 -3.49 16.09 -9.02
N PRO A 142 -2.15 15.94 -9.10
CA PRO A 142 -1.33 16.76 -8.21
C PRO A 142 -1.44 18.22 -8.62
N GLU A 143 -0.99 19.15 -7.78
CA GLU A 143 -1.25 20.56 -8.06
C GLU A 143 0.02 21.37 -8.32
N THR A 144 1.18 20.82 -8.02
CA THR A 144 2.45 21.46 -8.39
C THR A 144 2.99 20.83 -9.67
N GLU A 145 3.81 21.60 -10.39
CA GLU A 145 4.30 21.16 -11.69
C GLU A 145 5.31 20.01 -11.59
N TYR A 146 6.17 20.06 -10.57
CA TYR A 146 7.13 18.98 -10.35
C TYR A 146 6.41 17.67 -10.10
N GLU A 147 5.36 17.72 -9.28
CA GLU A 147 4.57 16.53 -8.96
C GLU A 147 3.81 16.00 -10.17
N ILE A 148 3.19 16.92 -10.93
CA ILE A 148 2.45 16.55 -12.12
C ILE A 148 3.35 15.88 -13.14
N ASN A 149 4.53 16.46 -13.34
CA ASN A 149 5.51 15.93 -14.29
C ASN A 149 6.07 14.57 -13.87
N LYS A 150 6.13 14.35 -12.57
CA LYS A 150 6.64 13.07 -12.06
C LYS A 150 5.64 11.94 -12.33
N VAL A 151 4.35 12.25 -12.21
CA VAL A 151 3.30 11.29 -12.54
C VAL A 151 3.37 10.92 -14.02
N LYS A 152 3.64 11.91 -14.87
CA LYS A 152 3.75 11.70 -16.30
C LYS A 152 4.94 10.81 -16.64
N GLU A 153 6.03 10.96 -15.89
CA GLU A 153 7.21 10.14 -16.07
C GLU A 153 6.94 8.69 -15.67
N ILE A 154 6.08 8.50 -14.68
CA ILE A 154 5.74 7.16 -14.20
C ILE A 154 4.80 6.47 -15.18
N GLU A 155 3.87 7.23 -15.75
CA GLU A 155 2.97 6.70 -16.77
C GLU A 155 3.74 6.17 -17.97
N GLN A 156 4.63 6.98 -18.51
CA GLN A 156 5.43 6.59 -19.67
C GLN A 156 6.34 5.42 -19.33
N TYR A 157 6.87 5.43 -18.11
CA TYR A 157 7.74 4.36 -17.65
C TYR A 157 7.03 3.01 -17.63
N ILE A 158 5.80 2.99 -17.16
CA ILE A 158 5.06 1.75 -17.00
C ILE A 158 4.59 1.16 -18.33
N LYS A 159 4.10 2.03 -19.21
CA LYS A 159 3.66 1.61 -20.54
C LYS A 159 4.79 0.94 -21.32
N GLU A 160 6.01 1.42 -21.08
CA GLU A 160 7.18 0.95 -21.82
C GLU A 160 7.87 -0.25 -21.16
N LEU A 161 7.28 -0.76 -20.08
CA LEU A 161 7.84 -1.91 -19.39
C LEU A 161 7.72 -3.17 -20.23
N LEU B 20 -1.96 -20.65 -11.09
CA LEU B 20 -0.62 -20.69 -11.67
C LEU B 20 -0.67 -21.12 -13.13
N LYS B 21 -1.83 -20.95 -13.75
CA LYS B 21 -1.98 -21.13 -15.18
C LYS B 21 -2.07 -19.75 -15.84
N ALA B 22 -1.80 -19.69 -17.14
CA ALA B 22 -1.69 -18.43 -17.84
C ALA B 22 -3.04 -17.90 -18.34
N ASN B 23 -3.26 -16.59 -18.15
CA ASN B 23 -4.48 -15.91 -18.58
C ASN B 23 -5.74 -16.70 -18.23
N ILE B 24 -5.73 -17.26 -17.03
CA ILE B 24 -6.80 -18.10 -16.52
C ILE B 24 -7.61 -17.34 -15.48
N GLU B 25 -8.92 -17.52 -15.48
CA GLU B 25 -9.74 -17.12 -14.34
C GLU B 25 -10.19 -18.38 -13.62
N TYR B 26 -10.15 -18.39 -12.30
CA TYR B 26 -10.70 -19.54 -11.57
C TYR B 26 -11.39 -19.15 -10.26
N THR B 27 -12.42 -19.92 -9.94
CA THR B 27 -13.27 -19.68 -8.78
C THR B 27 -13.13 -20.82 -7.78
N THR B 28 -12.86 -20.47 -6.53
CA THR B 28 -12.64 -21.45 -5.47
C THR B 28 -13.99 -21.97 -4.95
N PRO B 29 -13.96 -23.08 -4.19
CA PRO B 29 -15.19 -23.60 -3.55
C PRO B 29 -15.98 -22.54 -2.78
N THR B 30 -15.29 -21.52 -2.29
CA THR B 30 -15.90 -20.53 -1.42
C THR B 30 -16.42 -19.31 -2.18
N GLY B 31 -16.29 -19.34 -3.51
CA GLY B 31 -16.78 -18.27 -4.35
C GLY B 31 -15.73 -17.26 -4.78
N HIS B 32 -14.49 -17.45 -4.33
CA HIS B 32 -13.41 -16.51 -4.57
C HIS B 32 -12.90 -16.60 -6.00
N ILE B 33 -12.90 -15.47 -6.70
CA ILE B 33 -12.50 -15.44 -8.11
C ILE B 33 -11.08 -14.92 -8.30
N TYR B 34 -10.26 -15.68 -9.02
CA TYR B 34 -8.86 -15.31 -9.25
C TYR B 34 -8.55 -15.16 -10.73
N ARG B 35 -7.74 -14.18 -11.07
CA ARG B 35 -7.33 -13.95 -12.45
C ARG B 35 -5.81 -13.89 -12.56
N THR B 36 -5.27 -14.62 -13.53
CA THR B 36 -3.82 -14.66 -13.72
C THR B 36 -3.41 -13.97 -15.02
N ASP B 37 -2.12 -13.64 -15.14
CA ASP B 37 -1.61 -13.00 -16.35
C ASP B 37 -0.93 -14.02 -17.26
N HIS B 38 -0.22 -13.52 -18.28
CA HIS B 38 0.44 -14.36 -19.26
C HIS B 38 1.54 -15.23 -18.65
N LYS B 39 2.05 -14.81 -17.49
CA LYS B 39 3.07 -15.58 -16.77
C LYS B 39 2.45 -16.46 -15.69
N GLY B 40 1.14 -16.41 -15.56
CA GLY B 40 0.44 -17.25 -14.60
C GLY B 40 0.51 -16.73 -13.19
N ARG B 41 0.77 -15.43 -13.04
CA ARG B 41 0.78 -14.79 -11.74
C ARG B 41 -0.59 -14.21 -11.42
N ILE B 42 -1.04 -14.38 -10.18
CA ILE B 42 -2.30 -13.79 -9.74
C ILE B 42 -2.24 -12.26 -9.85
N LYS B 43 -3.22 -11.69 -10.53
CA LYS B 43 -3.27 -10.24 -10.69
C LYS B 43 -4.53 -9.65 -10.06
N GLU B 44 -5.61 -10.41 -10.11
CA GLU B 44 -6.89 -9.95 -9.57
C GLU B 44 -7.55 -11.00 -8.67
N VAL B 45 -8.19 -10.53 -7.60
CA VAL B 45 -8.98 -11.41 -6.74
C VAL B 45 -10.30 -10.74 -6.41
N TYR B 46 -11.40 -11.49 -6.50
CA TYR B 46 -12.69 -10.97 -6.08
C TYR B 46 -13.28 -11.79 -4.94
N VAL B 47 -13.75 -11.08 -3.91
CA VAL B 47 -14.28 -11.69 -2.70
C VAL B 47 -15.51 -10.91 -2.21
N ASP B 48 -16.67 -11.54 -2.24
CA ASP B 48 -17.87 -10.95 -1.67
C ASP B 48 -18.16 -11.55 -0.30
N ASN B 49 -17.11 -12.01 0.37
CA ASN B 49 -17.25 -12.97 1.46
C ASN B 49 -16.55 -12.59 2.77
N LEU B 50 -15.92 -11.42 2.82
CA LEU B 50 -15.19 -10.97 4.00
C LEU B 50 -16.03 -11.02 5.30
N SER B 51 -15.45 -11.60 6.35
CA SER B 51 -16.06 -11.56 7.67
C SER B 51 -15.44 -10.43 8.49
N LEU B 52 -16.22 -9.38 8.72
CA LEU B 52 -15.75 -8.23 9.49
C LEU B 52 -16.36 -8.24 10.90
N LYS B 107 20.65 3.13 -5.63
CA LYS B 107 21.19 2.11 -4.75
C LYS B 107 20.09 1.31 -4.08
N GLY B 108 19.18 2.00 -3.39
CA GLY B 108 18.12 1.33 -2.67
C GLY B 108 17.06 2.23 -2.07
N HIS B 109 16.55 1.82 -0.91
CA HIS B 109 15.45 2.51 -0.24
C HIS B 109 15.82 3.88 0.31
N TRP B 110 16.96 3.95 1.00
CA TRP B 110 17.42 5.23 1.55
C TRP B 110 17.68 6.24 0.44
N TYR B 111 18.37 5.79 -0.60
CA TYR B 111 18.62 6.63 -1.77
C TYR B 111 17.31 7.07 -2.42
N ASN B 112 16.37 6.12 -2.52
CA ASN B 112 15.05 6.42 -3.07
C ASN B 112 14.35 7.51 -2.28
N LEU B 113 14.54 7.48 -0.96
CA LEU B 113 13.90 8.41 -0.04
C LEU B 113 14.56 9.79 -0.08
N GLU B 114 15.89 9.83 -0.12
CA GLU B 114 16.63 11.08 -0.18
C GLU B 114 16.40 11.80 -1.51
N LYS B 115 16.39 11.04 -2.59
CA LYS B 115 16.24 11.59 -3.94
C LYS B 115 14.94 12.39 -4.09
N GLU B 116 13.83 11.85 -3.61
CA GLU B 116 12.55 12.55 -3.72
C GLU B 116 12.46 13.74 -2.77
N TRP B 117 13.09 13.61 -1.60
CA TRP B 117 13.16 14.71 -0.65
C TRP B 117 13.83 15.93 -1.29
N GLN B 118 15.00 15.70 -1.89
CA GLN B 118 15.79 16.76 -2.51
C GLN B 118 15.06 17.40 -3.68
N GLU B 119 14.33 16.60 -4.45
CA GLU B 119 13.57 17.10 -5.59
C GLU B 119 12.43 18.00 -5.12
N PHE B 120 11.84 17.66 -3.98
CA PHE B 120 10.78 18.48 -3.39
C PHE B 120 11.34 19.81 -2.90
N LEU B 121 12.51 19.75 -2.26
CA LEU B 121 13.18 20.95 -1.77
C LEU B 121 13.55 21.88 -2.92
N ASN B 122 14.09 21.30 -3.98
CA ASN B 122 14.50 22.06 -5.17
C ASN B 122 13.31 22.69 -5.88
N SER B 123 12.12 22.13 -5.69
CA SER B 123 10.92 22.69 -6.28
C SER B 123 10.28 23.68 -5.32
N GLY B 124 10.93 23.89 -4.18
CA GLY B 124 10.47 24.87 -3.21
C GLY B 124 9.40 24.34 -2.28
N LYS B 125 9.50 23.07 -1.91
CA LYS B 125 8.56 22.45 -0.98
C LYS B 125 9.28 21.96 0.27
N GLU B 126 8.67 22.20 1.42
CA GLU B 126 9.26 21.81 2.69
C GLU B 126 8.97 20.36 3.03
N VAL B 127 10.00 19.65 3.50
CA VAL B 127 9.84 18.33 4.07
C VAL B 127 10.00 18.45 5.58
N LYS B 128 8.88 18.38 6.29
CA LYS B 128 8.88 18.67 7.72
C LYS B 128 8.80 17.43 8.61
N ASN B 129 9.06 17.64 9.89
CA ASN B 129 8.80 16.66 10.94
C ASN B 129 9.34 15.26 10.63
N ILE B 130 10.56 15.20 10.13
CA ILE B 130 11.21 13.93 9.86
C ILE B 130 11.57 13.24 11.18
N LYS B 131 10.96 12.08 11.42
CA LYS B 131 11.29 11.27 12.59
C LYS B 131 11.51 9.82 12.19
N MET B 132 12.21 9.09 13.04
CA MET B 132 12.45 7.66 12.82
C MET B 132 12.26 6.88 14.11
N GLU B 133 11.71 5.67 13.99
CA GLU B 133 11.70 4.74 15.11
C GLU B 133 12.53 3.52 14.70
N VAL B 134 13.35 3.03 15.61
CA VAL B 134 14.31 1.99 15.27
C VAL B 134 14.21 0.75 16.13
N LYS B 135 13.98 -0.39 15.48
CA LYS B 135 14.13 -1.70 16.12
C LYS B 135 15.54 -2.17 15.77
N TYR B 136 16.42 -2.24 16.76
CA TYR B 136 17.85 -2.33 16.46
C TYR B 136 18.47 -3.72 16.46
N SER B 137 19.26 -3.98 15.43
CA SER B 137 20.12 -5.17 15.33
C SER B 137 19.33 -6.47 15.44
N ARG B 142 19.38 -10.98 11.66
CA ARG B 142 18.18 -10.15 11.73
C ARG B 142 18.50 -8.69 11.43
N PRO B 143 17.63 -8.02 10.66
CA PRO B 143 17.87 -6.65 10.21
C PRO B 143 17.41 -5.60 11.22
N THR B 144 18.05 -4.44 11.18
CA THR B 144 17.57 -3.28 11.93
C THR B 144 16.38 -2.71 11.16
N ILE B 145 15.29 -2.40 11.86
CA ILE B 145 14.08 -1.92 11.19
C ILE B 145 13.82 -0.44 11.46
N PHE B 146 13.69 0.33 10.38
CA PHE B 146 13.40 1.76 10.49
C PHE B 146 11.97 2.07 10.10
N LYS B 147 11.24 2.75 10.99
CA LYS B 147 9.97 3.35 10.61
C LYS B 147 10.20 4.84 10.42
N VAL B 148 10.22 5.27 9.16
CA VAL B 148 10.49 6.67 8.83
C VAL B 148 9.18 7.41 8.61
N GLU B 149 9.10 8.62 9.15
CA GLU B 149 7.92 9.45 8.95
C GLU B 149 8.30 10.89 8.59
N TYR B 150 7.44 11.54 7.82
CA TYR B 150 7.67 12.92 7.40
C TYR B 150 6.40 13.53 6.82
N GLU B 151 6.34 14.85 6.81
CA GLU B 151 5.20 15.57 6.27
C GLU B 151 5.66 16.50 5.14
N ILE B 152 4.86 16.60 4.07
CA ILE B 152 5.24 17.41 2.92
C ILE B 152 4.16 18.44 2.54
N ASN B 153 2.94 17.97 2.28
CA ASN B 153 1.84 18.89 1.99
C ASN B 153 0.86 18.97 3.15
N GLY B 154 1.39 18.98 4.37
CA GLY B 154 0.58 18.95 5.56
C GLY B 154 0.09 17.54 5.82
N GLU B 155 0.68 16.59 5.09
CA GLU B 155 0.28 15.20 5.15
C GLU B 155 1.43 14.31 5.62
N ARG B 156 1.19 13.55 6.67
CA ARG B 156 2.21 12.66 7.21
C ARG B 156 2.28 11.36 6.41
N ASN B 157 3.49 10.98 6.05
CA ASN B 157 3.72 9.72 5.36
C ASN B 157 4.61 8.81 6.20
N ILE B 158 4.36 7.52 6.12
CA ILE B 158 5.17 6.54 6.84
C ILE B 158 5.85 5.61 5.86
N ARG B 159 7.06 5.18 6.20
CA ARG B 159 7.82 4.28 5.35
C ARG B 159 8.65 3.32 6.19
N ARG B 160 8.84 2.11 5.70
CA ARG B 160 9.62 1.11 6.40
C ARG B 160 10.85 0.75 5.58
N ILE B 161 12.02 0.77 6.23
CA ILE B 161 13.26 0.42 5.57
C ILE B 161 14.06 -0.59 6.40
N LEU B 162 14.53 -1.65 5.76
CA LEU B 162 15.35 -2.64 6.44
C LEU B 162 16.83 -2.40 6.19
N ASN B 163 17.64 -2.63 7.21
CA ASN B 163 19.09 -2.63 7.08
C ASN B 163 19.64 -4.01 7.41
N LYS B 164 20.09 -4.73 6.39
CA LYS B 164 20.67 -6.05 6.58
C LYS B 164 21.77 -6.33 5.57
#